data_1DKQ
#
_entry.id   1DKQ
#
_cell.length_a   70.445
_cell.length_b   75.141
_cell.length_c   89.957
_cell.angle_alpha   90.00
_cell.angle_beta   90.00
_cell.angle_gamma   90.00
#
_symmetry.space_group_name_H-M   'P 21 21 21'
#
loop_
_entity.id
_entity.type
_entity.pdbx_description
1 polymer PHYTASE
2 non-polymer 'MERCURY (II) ION'
3 non-polymer 'INOSITOL HEXAKISPHOSPHATE'
4 water water
#
_entity_poly.entity_id   1
_entity_poly.type   'polypeptide(L)'
_entity_poly.pdbx_seq_one_letter_code
;QSEPELKLESVVIVSRAGVRAPTKATQLMQDVTPDAWPTWPVKLGWLTPRGGELIAYLGHYQRQRLVADGLLAKKGCPQS
GQVAIIADVDERTRKTGEAFAAGLAPDCAITVHTQTDTSSPDPLFNPLKTGVCQLDNANVTDAILSRAGGSIADFTGHRQ
TAFRELERVLNFPQSNLCLKREKQDESCSLTQALPSELKVSADNVSLTGAVSLASMLTEIFLLQQAQGMPEPGWGRITDS
HQWNTLLSLHNAQFYLLQRTPEVARSRATPLLDLIKTALTPHPPQKQAYGVTLPTSVLFIAGHDTNLANLGGALELNWTL
PGQPDNTPPGGELVFERWRRLSDNSQWIQVSLVFQTLQQMRDKTPLSLNTPPGEVKLTLAGCEERNAQGMCSLAGFTQIV
NEARIPACSL
;
_entity_poly.pdbx_strand_id   A
#
loop_
_chem_comp.id
_chem_comp.type
_chem_comp.name
_chem_comp.formula
HG non-polymer 'MERCURY (II) ION' 'Hg 2'
IHP non-polymer 'INOSITOL HEXAKISPHOSPHATE' 'C6 H18 O24 P6'
#
# COMPACT_ATOMS: atom_id res chain seq x y z
N GLN A 1 0.33 28.11 29.12
CA GLN A 1 0.59 26.70 28.71
C GLN A 1 1.43 26.66 27.44
N SER A 2 2.41 25.76 27.40
CA SER A 2 3.28 25.61 26.24
C SER A 2 2.44 25.61 24.96
N GLU A 3 2.91 26.34 23.95
CA GLU A 3 2.20 26.46 22.69
C GLU A 3 2.94 25.71 21.57
N PRO A 4 2.19 25.13 20.61
CA PRO A 4 2.81 24.40 19.50
C PRO A 4 3.65 25.34 18.63
N GLU A 5 4.87 24.93 18.30
CA GLU A 5 5.74 25.76 17.48
C GLU A 5 5.61 25.48 15.99
N LEU A 6 4.85 24.44 15.65
CA LEU A 6 4.62 24.06 14.26
C LEU A 6 3.12 24.07 13.95
N LYS A 7 2.75 24.64 12.81
CA LYS A 7 1.34 24.68 12.42
C LYS A 7 1.10 23.83 11.16
N LEU A 8 0.19 22.86 11.25
CA LEU A 8 -0.14 22.00 10.12
C LEU A 8 -0.85 22.83 9.06
N GLU A 9 -0.38 22.74 7.82
CA GLU A 9 -1.00 23.50 6.74
C GLU A 9 -1.41 22.66 5.55
N SER A 10 -0.85 21.45 5.44
CA SER A 10 -1.19 20.60 4.31
C SER A 10 -0.97 19.11 4.60
N VAL A 11 -1.91 18.30 4.13
CA VAL A 11 -1.84 16.85 4.32
C VAL A 11 -2.13 16.12 3.01
N VAL A 12 -1.30 15.14 2.69
CA VAL A 12 -1.49 14.34 1.49
C VAL A 12 -1.42 12.88 1.94
N ILE A 13 -2.48 12.15 1.69
CA ILE A 13 -2.55 10.75 2.08
C ILE A 13 -2.58 9.83 0.87
N VAL A 14 -1.68 8.86 0.84
CA VAL A 14 -1.67 7.89 -0.23
C VAL A 14 -2.11 6.62 0.46
N SER A 15 -3.34 6.20 0.19
CA SER A 15 -3.90 5.02 0.81
C SER A 15 -4.04 3.86 -0.14
N ARG A 16 -3.85 2.66 0.38
CA ARG A 16 -4.06 1.47 -0.41
C ARG A 16 -5.55 1.27 -0.29
N ALA A 17 -6.15 0.56 -1.25
CA ALA A 17 -7.58 0.29 -1.18
C ALA A 17 -7.79 -0.58 0.05
N GLY A 18 -9.05 -0.70 0.50
CA GLY A 18 -9.34 -1.48 1.68
C GLY A 18 -9.59 -2.95 1.42
N VAL A 19 -10.10 -3.65 2.43
CA VAL A 19 -10.37 -5.07 2.31
C VAL A 19 -11.26 -5.37 1.11
N ARG A 20 -10.80 -6.32 0.31
CA ARG A 20 -11.50 -6.72 -0.92
C ARG A 20 -11.44 -8.23 -1.02
N ALA A 21 -12.20 -8.78 -1.95
CA ALA A 21 -12.21 -10.21 -2.22
C ALA A 21 -10.99 -10.45 -3.10
N PRO A 22 -10.43 -11.67 -3.08
CA PRO A 22 -9.25 -11.93 -3.92
C PRO A 22 -9.48 -11.50 -5.36
N THR A 23 -8.42 -11.14 -6.07
CA THR A 23 -8.58 -10.70 -7.45
C THR A 23 -8.82 -11.84 -8.43
N LYS A 24 -8.44 -13.05 -8.06
CA LYS A 24 -8.65 -14.18 -8.97
C LYS A 24 -8.95 -15.50 -8.27
N ALA A 25 -9.42 -16.46 -9.07
CA ALA A 25 -9.77 -17.80 -8.60
C ALA A 25 -9.30 -18.74 -9.70
N THR A 26 -8.00 -19.02 -9.70
CA THR A 26 -7.40 -19.89 -10.71
C THR A 26 -7.44 -21.36 -10.34
N GLN A 27 -7.07 -22.20 -11.31
CA GLN A 27 -7.04 -23.65 -11.11
C GLN A 27 -5.84 -23.98 -10.22
N LEU A 28 -4.76 -23.22 -10.37
CA LEU A 28 -3.57 -23.44 -9.57
C LEU A 28 -3.91 -23.24 -8.09
N MET A 29 -4.65 -22.17 -7.80
CA MET A 29 -5.03 -21.88 -6.42
C MET A 29 -5.80 -23.04 -5.79
N GLN A 30 -6.53 -23.79 -6.61
CA GLN A 30 -7.29 -24.92 -6.10
C GLN A 30 -6.42 -26.16 -6.02
N ASP A 31 -5.50 -26.31 -6.96
CA ASP A 31 -4.63 -27.48 -6.97
C ASP A 31 -3.62 -27.59 -5.83
N VAL A 32 -3.33 -26.48 -5.13
CA VAL A 32 -2.36 -26.54 -4.04
C VAL A 32 -2.99 -26.79 -2.69
N THR A 33 -4.29 -27.06 -2.70
CA THR A 33 -5.01 -27.37 -1.47
C THR A 33 -6.19 -28.27 -1.79
N PRO A 34 -6.41 -29.30 -0.96
CA PRO A 34 -7.53 -30.21 -1.19
C PRO A 34 -8.80 -29.58 -0.64
N ASP A 35 -8.64 -28.52 0.14
CA ASP A 35 -9.79 -27.84 0.72
C ASP A 35 -10.38 -26.81 -0.22
N ALA A 36 -11.61 -26.40 0.06
CA ALA A 36 -12.28 -25.43 -0.80
C ALA A 36 -12.13 -24.01 -0.26
N TRP A 37 -11.66 -23.11 -1.11
CA TRP A 37 -11.50 -21.73 -0.71
C TRP A 37 -12.86 -21.14 -0.36
N PRO A 38 -12.93 -20.37 0.74
CA PRO A 38 -14.21 -19.77 1.13
C PRO A 38 -14.62 -18.67 0.13
N THR A 39 -15.92 -18.55 -0.11
CA THR A 39 -16.43 -17.54 -1.05
C THR A 39 -16.60 -16.18 -0.37
N TRP A 40 -16.49 -15.11 -1.16
CA TRP A 40 -16.63 -13.75 -0.65
C TRP A 40 -17.99 -13.16 -1.03
N PRO A 41 -18.43 -12.13 -0.28
CA PRO A 41 -19.72 -11.47 -0.54
C PRO A 41 -19.77 -10.53 -1.74
N VAL A 42 -18.61 -10.24 -2.33
CA VAL A 42 -18.58 -9.35 -3.49
C VAL A 42 -17.79 -9.99 -4.62
N LYS A 43 -17.88 -9.38 -5.80
CA LYS A 43 -17.16 -9.87 -6.97
C LYS A 43 -15.67 -9.87 -6.69
N LEU A 44 -14.90 -10.61 -7.48
CA LEU A 44 -13.46 -10.67 -7.31
C LEU A 44 -12.84 -9.27 -7.41
N GLY A 45 -11.91 -8.98 -6.51
CA GLY A 45 -11.24 -7.69 -6.54
C GLY A 45 -12.05 -6.48 -6.10
N TRP A 46 -13.30 -6.69 -5.70
CA TRP A 46 -14.14 -5.59 -5.26
C TRP A 46 -14.07 -5.35 -3.76
N LEU A 47 -14.26 -4.10 -3.35
CA LEU A 47 -14.23 -3.75 -1.94
C LEU A 47 -15.45 -4.35 -1.24
N THR A 48 -15.24 -4.94 -0.08
CA THR A 48 -16.36 -5.50 0.65
C THR A 48 -16.96 -4.41 1.52
N PRO A 49 -18.26 -4.51 1.84
CA PRO A 49 -18.85 -3.47 2.69
C PRO A 49 -18.08 -3.28 3.98
N ARG A 50 -17.57 -4.38 4.54
CA ARG A 50 -16.79 -4.31 5.76
C ARG A 50 -15.51 -3.52 5.47
N GLY A 51 -14.94 -3.75 4.29
CA GLY A 51 -13.73 -3.02 3.91
C GLY A 51 -13.99 -1.52 3.91
N GLY A 52 -15.17 -1.13 3.44
CA GLY A 52 -15.52 0.27 3.38
C GLY A 52 -15.71 0.84 4.78
N GLU A 53 -16.26 0.03 5.68
CA GLU A 53 -16.44 0.48 7.05
C GLU A 53 -15.08 0.75 7.69
N LEU A 54 -14.14 -0.17 7.47
CA LEU A 54 -12.80 0.00 8.03
C LEU A 54 -12.13 1.25 7.49
N ILE A 55 -12.37 1.57 6.21
CA ILE A 55 -11.79 2.79 5.63
C ILE A 55 -12.47 4.01 6.27
N ALA A 56 -13.79 3.93 6.42
CA ALA A 56 -14.56 5.03 7.01
C ALA A 56 -14.06 5.31 8.42
N TYR A 57 -13.65 4.27 9.14
CA TYR A 57 -13.13 4.46 10.50
C TYR A 57 -11.87 5.32 10.45
N LEU A 58 -11.01 5.04 9.48
CA LEU A 58 -9.79 5.80 9.32
C LEU A 58 -10.16 7.22 8.93
N GLY A 59 -11.17 7.37 8.09
CA GLY A 59 -11.61 8.70 7.70
C GLY A 59 -12.15 9.43 8.92
N HIS A 60 -12.86 8.70 9.80
CA HIS A 60 -13.40 9.32 11.02
C HIS A 60 -12.25 9.73 11.93
N TYR A 61 -11.24 8.86 12.04
CA TYR A 61 -10.07 9.16 12.85
C TYR A 61 -9.33 10.39 12.33
N GLN A 62 -9.07 10.41 11.02
CA GLN A 62 -8.36 11.53 10.41
C GLN A 62 -9.10 12.85 10.59
N ARG A 63 -10.42 12.80 10.58
CA ARG A 63 -11.19 14.04 10.76
C ARG A 63 -10.92 14.58 12.16
N GLN A 64 -10.88 13.71 13.15
CA GLN A 64 -10.62 14.14 14.54
C GLN A 64 -9.20 14.66 14.67
N ARG A 65 -8.26 13.96 14.05
CA ARG A 65 -6.85 14.32 14.10
C ARG A 65 -6.61 15.71 13.49
N LEU A 66 -7.06 15.92 12.26
CA LEU A 66 -6.87 17.20 11.57
C LEU A 66 -7.60 18.35 12.28
N VAL A 67 -8.74 18.05 12.88
CA VAL A 67 -9.50 19.05 13.63
C VAL A 67 -8.60 19.49 14.81
N ALA A 68 -8.07 18.51 15.52
CA ALA A 68 -7.18 18.78 16.66
C ALA A 68 -5.98 19.63 16.24
N ASP A 69 -5.53 19.47 15.01
CA ASP A 69 -4.38 20.24 14.52
C ASP A 69 -4.87 21.53 13.86
N GLY A 70 -6.18 21.73 13.93
CA GLY A 70 -6.79 22.93 13.38
C GLY A 70 -6.74 23.11 11.88
N LEU A 71 -6.63 22.02 11.13
CA LEU A 71 -6.60 22.14 9.67
C LEU A 71 -8.03 22.09 9.13
N LEU A 72 -8.89 21.36 9.83
CA LEU A 72 -10.29 21.25 9.44
C LEU A 72 -11.14 21.74 10.60
N ALA A 73 -12.35 22.20 10.31
CA ALA A 73 -13.26 22.68 11.34
C ALA A 73 -13.96 21.48 11.95
N LYS A 74 -14.25 21.55 13.25
CA LYS A 74 -14.90 20.43 13.93
C LYS A 74 -16.32 20.17 13.47
N LYS A 75 -16.99 21.20 12.98
CA LYS A 75 -18.37 21.06 12.52
C LYS A 75 -18.58 21.40 11.06
N GLY A 76 -19.65 20.83 10.50
CA GLY A 76 -20.00 21.10 9.13
C GLY A 76 -19.13 20.46 8.07
N CYS A 77 -19.53 20.63 6.82
CA CYS A 77 -18.78 20.09 5.69
C CYS A 77 -17.61 21.01 5.41
N PRO A 78 -16.47 20.44 5.01
CA PRO A 78 -15.32 21.29 4.73
C PRO A 78 -15.63 22.25 3.61
N GLN A 79 -14.94 23.38 3.58
CA GLN A 79 -15.15 24.38 2.53
C GLN A 79 -14.91 23.70 1.19
N SER A 80 -15.50 24.24 0.14
CA SER A 80 -15.35 23.68 -1.19
C SER A 80 -13.88 23.55 -1.59
N GLY A 81 -13.48 22.35 -1.98
CA GLY A 81 -12.10 22.12 -2.40
C GLY A 81 -11.13 21.92 -1.25
N GLN A 82 -11.55 22.21 -0.03
CA GLN A 82 -10.68 22.05 1.13
C GLN A 82 -10.18 20.61 1.19
N VAL A 83 -11.06 19.67 0.84
CA VAL A 83 -10.71 18.26 0.83
C VAL A 83 -10.84 17.73 -0.59
N ALA A 84 -9.76 17.23 -1.17
CA ALA A 84 -9.78 16.68 -2.53
C ALA A 84 -9.51 15.18 -2.46
N ILE A 85 -10.25 14.40 -3.28
CA ILE A 85 -10.09 12.96 -3.29
C ILE A 85 -9.90 12.46 -4.72
N ILE A 86 -8.82 11.72 -4.94
CA ILE A 86 -8.49 11.16 -6.25
C ILE A 86 -8.35 9.65 -6.10
N ALA A 87 -8.88 8.90 -7.04
CA ALA A 87 -8.79 7.45 -6.97
C ALA A 87 -8.46 6.85 -8.32
N ASP A 88 -7.87 5.66 -8.27
CA ASP A 88 -7.54 4.93 -9.48
C ASP A 88 -8.91 4.55 -10.02
N VAL A 89 -8.98 4.18 -11.29
CA VAL A 89 -10.26 3.83 -11.89
C VAL A 89 -10.95 2.55 -11.38
N ASP A 90 -10.23 1.72 -10.63
CA ASP A 90 -10.79 0.46 -10.11
C ASP A 90 -12.00 0.65 -9.20
N GLU A 91 -12.85 -0.37 -9.13
CA GLU A 91 -14.03 -0.32 -8.29
C GLU A 91 -13.59 -0.17 -6.83
N ARG A 92 -12.61 -0.97 -6.42
CA ARG A 92 -12.15 -0.91 -5.02
C ARG A 92 -11.49 0.40 -4.59
N THR A 93 -10.79 1.08 -5.50
CA THR A 93 -10.17 2.35 -5.14
C THR A 93 -11.22 3.47 -5.12
N ARG A 94 -12.14 3.44 -6.08
CA ARG A 94 -13.19 4.44 -6.11
C ARG A 94 -14.00 4.33 -4.82
N LYS A 95 -14.36 3.11 -4.45
CA LYS A 95 -15.13 2.86 -3.24
C LYS A 95 -14.37 3.18 -1.96
N THR A 96 -13.05 3.11 -2.01
CA THR A 96 -12.23 3.43 -0.85
C THR A 96 -12.27 4.95 -0.67
N GLY A 97 -12.23 5.68 -1.78
CA GLY A 97 -12.30 7.13 -1.70
C GLY A 97 -13.64 7.59 -1.14
N GLU A 98 -14.71 6.87 -1.52
CA GLU A 98 -16.05 7.19 -1.04
C GLU A 98 -16.17 6.88 0.45
N ALA A 99 -15.70 5.69 0.85
CA ALA A 99 -15.75 5.29 2.26
C ALA A 99 -14.93 6.23 3.14
N PHE A 100 -13.86 6.79 2.58
CA PHE A 100 -13.03 7.72 3.35
C PHE A 100 -13.71 9.06 3.54
N ALA A 101 -14.36 9.56 2.48
CA ALA A 101 -15.07 10.83 2.56
C ALA A 101 -16.24 10.67 3.54
N ALA A 102 -16.88 9.51 3.48
CA ALA A 102 -18.02 9.19 4.33
C ALA A 102 -17.62 9.26 5.79
N GLY A 103 -16.49 8.64 6.11
CA GLY A 103 -16.00 8.64 7.47
C GLY A 103 -15.48 10.00 7.89
N LEU A 104 -14.86 10.71 6.95
CA LEU A 104 -14.29 12.03 7.24
C LEU A 104 -15.34 13.11 7.44
N ALA A 105 -16.33 13.16 6.54
CA ALA A 105 -17.39 14.15 6.61
C ALA A 105 -18.70 13.52 6.18
N PRO A 106 -19.40 12.86 7.11
CA PRO A 106 -20.68 12.20 6.87
C PRO A 106 -21.67 13.05 6.08
N ASP A 107 -22.37 12.42 5.15
CA ASP A 107 -23.35 13.07 4.30
C ASP A 107 -22.92 14.45 3.81
N CYS A 108 -21.65 14.62 3.47
CA CYS A 108 -21.17 15.92 2.99
C CYS A 108 -20.93 16.01 1.50
N ALA A 109 -20.98 14.87 0.81
CA ALA A 109 -20.77 14.88 -0.63
C ALA A 109 -19.42 15.47 -1.00
N ILE A 110 -18.41 14.61 -1.08
CA ILE A 110 -17.08 15.02 -1.47
C ILE A 110 -16.85 14.20 -2.73
N THR A 111 -16.61 14.87 -3.84
CA THR A 111 -16.39 14.18 -5.10
C THR A 111 -15.14 13.29 -5.03
N VAL A 112 -15.23 12.13 -5.66
CA VAL A 112 -14.09 11.22 -5.74
C VAL A 112 -13.73 11.31 -7.22
N HIS A 113 -12.69 12.07 -7.51
CA HIS A 113 -12.23 12.28 -8.87
C HIS A 113 -11.36 11.12 -9.38
N THR A 114 -11.55 10.74 -10.63
CA THR A 114 -10.77 9.67 -11.23
C THR A 114 -10.46 10.09 -12.66
N GLN A 115 -9.65 9.30 -13.35
CA GLN A 115 -9.36 9.59 -14.74
C GLN A 115 -10.74 9.50 -15.40
N THR A 116 -10.99 10.32 -16.41
CA THR A 116 -12.29 10.33 -17.08
C THR A 116 -12.62 9.01 -17.78
N ASP A 117 -11.64 8.45 -18.50
CA ASP A 117 -11.85 7.17 -19.15
C ASP A 117 -11.61 6.08 -18.10
N THR A 118 -12.71 5.53 -17.61
CA THR A 118 -12.69 4.51 -16.57
C THR A 118 -12.43 3.10 -17.09
N SER A 119 -12.54 2.92 -18.40
CA SER A 119 -12.31 1.61 -19.00
C SER A 119 -10.83 1.44 -19.32
N SER A 120 -10.04 2.46 -19.02
CA SER A 120 -8.62 2.39 -19.31
C SER A 120 -7.81 2.61 -18.02
N PRO A 121 -6.61 2.02 -17.94
CA PRO A 121 -5.82 2.21 -16.72
C PRO A 121 -5.31 3.65 -16.62
N ASP A 122 -5.16 4.11 -15.38
CA ASP A 122 -4.67 5.46 -15.12
C ASP A 122 -3.18 5.43 -14.89
N PRO A 123 -2.39 6.07 -15.77
CA PRO A 123 -0.94 6.07 -15.62
C PRO A 123 -0.39 6.66 -14.32
N LEU A 124 -1.19 7.46 -13.63
CA LEU A 124 -0.73 8.02 -12.36
C LEU A 124 -0.32 6.87 -11.42
N PHE A 125 -1.07 5.78 -11.47
CA PHE A 125 -0.80 4.62 -10.60
C PHE A 125 0.16 3.57 -11.13
N ASN A 126 0.62 3.75 -12.37
CA ASN A 126 1.60 2.86 -12.99
C ASN A 126 1.87 3.33 -14.42
N PRO A 127 2.92 4.14 -14.60
CA PRO A 127 3.29 4.66 -15.91
C PRO A 127 3.94 3.62 -16.82
N LEU A 128 4.30 2.47 -16.24
CA LEU A 128 4.91 1.40 -16.99
C LEU A 128 3.88 0.63 -17.79
N LYS A 129 2.75 0.38 -17.13
CA LYS A 129 1.64 -0.35 -17.71
C LYS A 129 1.01 0.36 -18.92
N THR A 130 0.94 1.69 -18.88
CA THR A 130 0.35 2.43 -19.99
C THR A 130 1.38 2.86 -21.03
N GLY A 131 2.64 2.55 -20.79
CA GLY A 131 3.67 2.91 -21.76
C GLY A 131 4.20 4.33 -21.70
N VAL A 132 3.96 5.03 -20.61
CA VAL A 132 4.47 6.40 -20.48
C VAL A 132 5.99 6.31 -20.57
N CYS A 133 6.54 5.33 -19.87
CA CYS A 133 7.97 5.12 -19.86
C CYS A 133 8.26 3.63 -19.81
N GLN A 134 9.52 3.26 -19.96
CA GLN A 134 9.90 1.86 -19.97
C GLN A 134 11.01 1.54 -18.98
N LEU A 135 11.07 0.28 -18.57
CA LEU A 135 12.09 -0.16 -17.64
C LEU A 135 13.30 -0.59 -18.47
N ASP A 136 14.48 -0.45 -17.89
CA ASP A 136 15.71 -0.88 -18.54
C ASP A 136 15.83 -2.35 -18.14
N ASN A 137 15.51 -3.24 -19.07
CA ASN A 137 15.51 -4.67 -18.80
C ASN A 137 16.76 -5.21 -18.10
N ALA A 138 17.92 -5.00 -18.73
CA ALA A 138 19.18 -5.46 -18.18
C ALA A 138 19.52 -4.91 -16.79
N ASN A 139 19.28 -3.62 -16.59
CA ASN A 139 19.58 -2.98 -15.31
C ASN A 139 18.65 -3.43 -14.19
N VAL A 140 17.37 -3.58 -14.51
CA VAL A 140 16.37 -4.03 -13.55
C VAL A 140 16.65 -5.49 -13.18
N THR A 141 17.02 -6.29 -14.18
CA THR A 141 17.32 -7.70 -13.94
C THR A 141 18.46 -7.84 -12.94
N ASP A 142 19.54 -7.09 -13.16
CA ASP A 142 20.69 -7.13 -12.27
C ASP A 142 20.35 -6.63 -10.86
N ALA A 143 19.56 -5.57 -10.79
CA ALA A 143 19.19 -4.99 -9.51
C ALA A 143 18.33 -5.93 -8.68
N ILE A 144 17.37 -6.60 -9.30
CA ILE A 144 16.51 -7.51 -8.56
C ILE A 144 17.29 -8.74 -8.11
N LEU A 145 18.05 -9.35 -9.01
CA LEU A 145 18.85 -10.52 -8.65
C LEU A 145 19.81 -10.14 -7.55
N SER A 146 20.38 -8.93 -7.67
CA SER A 146 21.31 -8.44 -6.68
C SER A 146 20.63 -8.38 -5.31
N ARG A 147 19.42 -7.85 -5.24
CA ARG A 147 18.73 -7.75 -3.95
C ARG A 147 18.31 -9.14 -3.50
N ALA A 148 18.30 -10.09 -4.43
CA ALA A 148 17.92 -11.46 -4.11
C ALA A 148 19.12 -12.27 -3.62
N GLY A 149 20.29 -11.64 -3.59
CA GLY A 149 21.48 -12.35 -3.15
C GLY A 149 22.16 -13.10 -4.27
N GLY A 150 21.78 -12.80 -5.50
CA GLY A 150 22.37 -13.46 -6.64
C GLY A 150 21.40 -14.37 -7.38
N SER A 151 20.51 -15.03 -6.65
CA SER A 151 19.55 -15.91 -7.30
C SER A 151 18.25 -16.02 -6.52
N ILE A 152 17.18 -16.34 -7.23
CA ILE A 152 15.87 -16.49 -6.63
C ILE A 152 15.84 -17.73 -5.74
N ALA A 153 16.60 -18.75 -6.13
CA ALA A 153 16.67 -20.01 -5.38
C ALA A 153 17.22 -19.77 -3.98
N ASP A 154 18.31 -19.03 -3.90
CA ASP A 154 18.89 -18.76 -2.60
C ASP A 154 17.92 -17.91 -1.79
N PHE A 155 17.19 -17.04 -2.47
CA PHE A 155 16.21 -16.17 -1.85
C PHE A 155 15.09 -16.98 -1.20
N THR A 156 14.48 -17.88 -1.97
CA THR A 156 13.41 -18.72 -1.45
C THR A 156 13.97 -19.69 -0.43
N GLY A 157 15.22 -20.10 -0.65
CA GLY A 157 15.87 -21.03 0.26
C GLY A 157 15.90 -20.49 1.68
N HIS A 158 16.14 -19.19 1.83
CA HIS A 158 16.18 -18.59 3.16
C HIS A 158 14.81 -18.40 3.77
N ARG A 159 13.78 -18.74 3.02
CA ARG A 159 12.43 -18.58 3.50
C ARG A 159 11.62 -19.88 3.47
N GLN A 160 12.31 -21.02 3.43
CA GLN A 160 11.64 -22.32 3.42
C GLN A 160 10.73 -22.52 4.63
N THR A 161 11.14 -21.99 5.76
CA THR A 161 10.32 -22.13 6.96
C THR A 161 8.96 -21.51 6.70
N ALA A 162 8.97 -20.35 6.06
CA ALA A 162 7.73 -19.66 5.73
C ALA A 162 6.96 -20.44 4.67
N PHE A 163 7.66 -20.99 3.70
CA PHE A 163 7.01 -21.77 2.65
C PHE A 163 6.39 -23.05 3.23
N ARG A 164 7.03 -23.65 4.22
CA ARG A 164 6.50 -24.87 4.83
C ARG A 164 5.30 -24.56 5.70
N GLU A 165 5.29 -23.36 6.29
CA GLU A 165 4.18 -22.92 7.12
C GLU A 165 2.96 -22.80 6.20
N LEU A 166 3.16 -22.19 5.04
CA LEU A 166 2.09 -22.02 4.05
C LEU A 166 1.56 -23.39 3.58
N GLU A 167 2.49 -24.31 3.30
CA GLU A 167 2.10 -25.65 2.86
C GLU A 167 1.24 -26.33 3.93
N ARG A 168 1.61 -26.11 5.18
CA ARG A 168 0.90 -26.66 6.32
C ARG A 168 -0.53 -26.11 6.35
N VAL A 169 -0.68 -24.80 6.17
CA VAL A 169 -1.99 -24.19 6.17
C VAL A 169 -2.87 -24.68 5.00
N LEU A 170 -2.21 -25.03 3.90
CA LEU A 170 -2.90 -25.50 2.70
C LEU A 170 -3.14 -27.01 2.68
N ASN A 171 -2.42 -27.73 3.53
CA ASN A 171 -2.46 -29.19 3.56
C ASN A 171 -1.96 -29.58 2.18
N PHE A 172 -0.92 -28.86 1.75
CA PHE A 172 -0.30 -29.07 0.46
C PHE A 172 -0.04 -30.56 0.17
N PRO A 173 0.42 -31.31 1.17
CA PRO A 173 0.69 -32.74 0.94
C PRO A 173 -0.48 -33.49 0.30
N GLN A 174 -1.71 -33.14 0.67
CA GLN A 174 -2.89 -33.81 0.12
C GLN A 174 -3.55 -33.02 -1.02
N SER A 175 -2.77 -32.16 -1.68
CA SER A 175 -3.29 -31.36 -2.79
C SER A 175 -3.11 -32.17 -4.06
N ASN A 176 -3.85 -31.80 -5.11
CA ASN A 176 -3.73 -32.50 -6.38
C ASN A 176 -2.36 -32.24 -6.99
N LEU A 177 -1.84 -31.03 -6.81
CA LEU A 177 -0.53 -30.70 -7.35
C LEU A 177 0.49 -31.72 -6.83
N CYS A 178 0.35 -32.11 -5.57
CA CYS A 178 1.27 -33.07 -4.96
C CYS A 178 1.02 -34.52 -5.36
N LEU A 179 -0.20 -34.97 -5.15
CA LEU A 179 -0.56 -36.34 -5.44
C LEU A 179 -0.42 -36.70 -6.93
N LYS A 180 -0.54 -35.70 -7.80
CA LYS A 180 -0.44 -35.94 -9.24
C LYS A 180 0.95 -35.63 -9.80
N ARG A 181 1.90 -35.44 -8.89
CA ARG A 181 3.28 -35.13 -9.23
C ARG A 181 3.99 -36.41 -9.71
N GLU A 182 4.81 -36.30 -10.74
CA GLU A 182 5.50 -37.48 -11.27
C GLU A 182 6.82 -37.82 -10.60
N LYS A 183 7.48 -36.84 -10.00
CA LYS A 183 8.74 -37.10 -9.32
C LYS A 183 8.51 -37.27 -7.82
N GLN A 184 7.69 -38.27 -7.48
CA GLN A 184 7.35 -38.56 -6.10
C GLN A 184 8.46 -39.28 -5.36
N ASP A 185 9.66 -39.13 -5.90
CA ASP A 185 10.87 -39.72 -5.32
C ASP A 185 11.28 -38.80 -4.17
N GLU A 186 10.94 -37.52 -4.29
CA GLU A 186 11.25 -36.52 -3.29
C GLU A 186 9.97 -35.97 -2.66
N SER A 187 10.10 -35.37 -1.48
CA SER A 187 8.92 -34.80 -0.80
C SER A 187 8.31 -33.69 -1.65
N CYS A 188 7.02 -33.44 -1.45
CA CYS A 188 6.34 -32.41 -2.22
C CYS A 188 6.66 -31.03 -1.64
N SER A 189 7.04 -30.11 -2.51
CA SER A 189 7.41 -28.77 -2.10
C SER A 189 6.92 -27.70 -3.07
N LEU A 190 6.32 -26.64 -2.51
CA LEU A 190 5.81 -25.53 -3.32
C LEU A 190 6.91 -24.95 -4.20
N THR A 191 8.05 -24.65 -3.59
CA THR A 191 9.17 -24.07 -4.31
C THR A 191 9.73 -25.03 -5.34
N GLN A 192 9.65 -26.32 -5.04
CA GLN A 192 10.14 -27.35 -5.95
C GLN A 192 9.14 -27.55 -7.09
N ALA A 193 7.87 -27.67 -6.73
CA ALA A 193 6.81 -27.88 -7.72
C ALA A 193 6.58 -26.69 -8.63
N LEU A 194 6.87 -25.49 -8.13
CA LEU A 194 6.66 -24.28 -8.92
C LEU A 194 7.90 -23.39 -8.90
N PRO A 195 8.91 -23.73 -9.70
CA PRO A 195 10.13 -22.91 -9.72
C PRO A 195 9.82 -21.44 -10.00
N SER A 196 10.51 -20.55 -9.30
CA SER A 196 10.30 -19.13 -9.47
C SER A 196 11.34 -18.47 -10.37
N GLU A 197 10.89 -17.98 -11.51
CA GLU A 197 11.81 -17.31 -12.44
C GLU A 197 11.47 -15.82 -12.49
N LEU A 198 12.49 -14.99 -12.61
CA LEU A 198 12.31 -13.54 -12.69
C LEU A 198 12.02 -13.14 -14.14
N LYS A 199 10.87 -12.51 -14.37
CA LYS A 199 10.51 -12.08 -15.72
C LYS A 199 10.58 -10.55 -15.75
N VAL A 200 11.29 -10.01 -16.72
CA VAL A 200 11.43 -8.55 -16.82
C VAL A 200 11.20 -8.05 -18.25
N SER A 201 10.29 -7.09 -18.40
CA SER A 201 10.02 -6.50 -19.70
C SER A 201 9.98 -4.99 -19.52
N ALA A 202 9.83 -4.26 -20.63
CA ALA A 202 9.78 -2.81 -20.59
C ALA A 202 8.64 -2.26 -19.72
N ASP A 203 7.49 -2.90 -19.74
CA ASP A 203 6.36 -2.41 -18.96
C ASP A 203 6.07 -3.13 -17.65
N ASN A 204 6.77 -4.21 -17.34
CA ASN A 204 6.50 -4.94 -16.10
C ASN A 204 7.62 -5.88 -15.65
N VAL A 205 7.52 -6.34 -14.40
CA VAL A 205 8.47 -7.29 -13.84
C VAL A 205 7.65 -8.27 -13.02
N SER A 206 8.05 -9.53 -13.00
CA SER A 206 7.31 -10.52 -12.23
C SER A 206 8.11 -11.73 -11.81
N LEU A 207 7.55 -12.45 -10.84
CA LEU A 207 8.13 -13.68 -10.34
C LEU A 207 7.07 -14.74 -10.58
N THR A 208 7.45 -15.81 -11.29
CA THR A 208 6.52 -16.90 -11.56
C THR A 208 6.70 -17.91 -10.44
N GLY A 209 5.82 -18.90 -10.40
CA GLY A 209 5.97 -19.95 -9.40
C GLY A 209 5.48 -19.69 -7.99
N ALA A 210 6.14 -20.38 -7.06
CA ALA A 210 5.79 -20.31 -5.65
C ALA A 210 5.93 -18.93 -5.03
N VAL A 211 6.86 -18.12 -5.53
CA VAL A 211 7.03 -16.79 -4.95
C VAL A 211 5.79 -15.94 -5.08
N SER A 212 5.25 -15.84 -6.29
CA SER A 212 4.06 -15.03 -6.51
C SER A 212 2.79 -15.69 -6.00
N LEU A 213 2.72 -17.01 -6.07
CA LEU A 213 1.55 -17.71 -5.57
C LEU A 213 1.46 -17.50 -4.06
N ALA A 214 2.57 -17.69 -3.37
CA ALA A 214 2.61 -17.53 -1.91
C ALA A 214 2.32 -16.09 -1.49
N SER A 215 2.80 -15.12 -2.25
CA SER A 215 2.56 -13.72 -1.90
C SER A 215 1.05 -13.47 -1.98
N MET A 216 0.42 -14.01 -3.02
CA MET A 216 -1.02 -13.85 -3.21
C MET A 216 -1.85 -14.63 -2.17
N LEU A 217 -1.52 -15.90 -1.96
CA LEU A 217 -2.25 -16.71 -1.00
C LEU A 217 -2.16 -16.18 0.43
N THR A 218 -0.97 -15.78 0.88
CA THR A 218 -0.86 -15.28 2.24
C THR A 218 -1.63 -13.97 2.43
N GLU A 219 -1.68 -13.17 1.37
CA GLU A 219 -2.42 -11.93 1.44
C GLU A 219 -3.91 -12.28 1.52
N ILE A 220 -4.32 -13.35 0.82
CA ILE A 220 -5.73 -13.76 0.87
C ILE A 220 -6.11 -14.20 2.28
N PHE A 221 -5.20 -14.87 2.99
CA PHE A 221 -5.51 -15.29 4.36
C PHE A 221 -5.67 -14.04 5.23
N LEU A 222 -4.81 -13.04 5.04
CA LEU A 222 -4.92 -11.80 5.81
C LEU A 222 -6.26 -11.13 5.52
N LEU A 223 -6.67 -11.18 4.26
CA LEU A 223 -7.95 -10.61 3.84
C LEU A 223 -9.11 -11.34 4.52
N GLN A 224 -9.06 -12.67 4.55
CA GLN A 224 -10.12 -13.44 5.20
C GLN A 224 -10.22 -12.98 6.66
N GLN A 225 -9.09 -12.93 7.34
CA GLN A 225 -9.01 -12.52 8.74
C GLN A 225 -9.59 -11.11 8.93
N ALA A 226 -9.14 -10.16 8.11
CA ALA A 226 -9.61 -8.78 8.17
C ALA A 226 -11.09 -8.66 7.81
N GLN A 227 -11.57 -9.59 6.99
CA GLN A 227 -12.97 -9.60 6.55
C GLN A 227 -13.87 -10.20 7.63
N GLY A 228 -13.25 -10.81 8.64
CA GLY A 228 -14.00 -11.39 9.74
C GLY A 228 -14.54 -12.77 9.45
N MET A 229 -13.98 -13.46 8.46
CA MET A 229 -14.44 -14.80 8.16
C MET A 229 -14.10 -15.73 9.32
N PRO A 230 -15.03 -16.62 9.68
CA PRO A 230 -14.89 -17.59 10.77
C PRO A 230 -13.49 -18.16 10.96
N GLU A 231 -13.07 -19.02 10.04
CA GLU A 231 -11.77 -19.66 10.16
C GLU A 231 -10.83 -19.47 8.97
N PRO A 232 -10.08 -18.36 8.97
CA PRO A 232 -9.14 -18.07 7.89
C PRO A 232 -8.16 -19.24 7.78
N GLY A 233 -7.78 -19.61 6.55
CA GLY A 233 -6.84 -20.69 6.37
C GLY A 233 -7.39 -22.01 6.90
N TRP A 234 -8.70 -22.16 6.83
CA TRP A 234 -9.37 -23.37 7.29
C TRP A 234 -9.00 -23.67 8.75
N GLY A 235 -8.97 -22.62 9.58
CA GLY A 235 -8.66 -22.78 10.98
C GLY A 235 -7.23 -23.20 11.31
N ARG A 236 -6.36 -23.27 10.31
CA ARG A 236 -4.98 -23.67 10.53
C ARG A 236 -4.02 -22.55 10.93
N ILE A 237 -4.52 -21.32 11.01
CA ILE A 237 -3.68 -20.19 11.40
C ILE A 237 -4.14 -19.79 12.80
N THR A 238 -3.43 -20.26 13.80
CA THR A 238 -3.80 -20.03 15.19
C THR A 238 -3.05 -19.03 16.07
N ASP A 239 -1.99 -18.40 15.57
CA ASP A 239 -1.28 -17.42 16.39
C ASP A 239 -0.55 -16.35 15.59
N SER A 240 -0.11 -15.30 16.30
CA SER A 240 0.57 -14.19 15.67
C SER A 240 1.86 -14.56 14.94
N HIS A 241 2.63 -15.48 15.51
CA HIS A 241 3.89 -15.89 14.86
C HIS A 241 3.62 -16.51 13.50
N GLN A 242 2.49 -17.20 13.38
CA GLN A 242 2.12 -17.84 12.12
C GLN A 242 1.70 -16.78 11.11
N TRP A 243 0.96 -15.78 11.58
CA TRP A 243 0.53 -14.70 10.71
C TRP A 243 1.74 -14.00 10.12
N ASN A 244 2.70 -13.68 10.98
CA ASN A 244 3.92 -12.99 10.56
C ASN A 244 4.74 -13.85 9.59
N THR A 245 4.91 -15.12 9.94
CA THR A 245 5.67 -16.04 9.12
C THR A 245 5.02 -16.16 7.74
N LEU A 246 3.69 -16.26 7.71
CA LEU A 246 3.00 -16.38 6.43
C LEU A 246 3.11 -15.13 5.57
N LEU A 247 2.80 -13.99 6.17
CA LEU A 247 2.84 -12.73 5.43
C LEU A 247 4.22 -12.31 5.00
N SER A 248 5.27 -12.83 5.65
CA SER A 248 6.63 -12.48 5.27
C SER A 248 6.89 -12.86 3.80
N LEU A 249 6.15 -13.85 3.30
CA LEU A 249 6.29 -14.32 1.92
C LEU A 249 5.77 -13.24 0.98
N HIS A 250 4.75 -12.54 1.47
CA HIS A 250 4.14 -11.46 0.73
C HIS A 250 5.09 -10.26 0.73
N ASN A 251 5.57 -9.89 1.91
CA ASN A 251 6.50 -8.77 2.01
C ASN A 251 7.81 -9.04 1.25
N ALA A 252 8.18 -10.30 1.16
CA ALA A 252 9.42 -10.68 0.47
C ALA A 252 9.32 -10.40 -1.03
N GLN A 253 8.16 -10.69 -1.63
CA GLN A 253 8.00 -10.43 -3.05
C GLN A 253 7.96 -8.94 -3.34
N PHE A 254 7.31 -8.17 -2.48
CA PHE A 254 7.22 -6.74 -2.68
C PHE A 254 8.60 -6.09 -2.54
N TYR A 255 9.43 -6.66 -1.68
CA TYR A 255 10.78 -6.14 -1.46
C TYR A 255 11.57 -6.23 -2.76
N LEU A 256 11.42 -7.36 -3.44
CA LEU A 256 12.11 -7.63 -4.69
C LEU A 256 11.58 -6.88 -5.91
N LEU A 257 10.27 -6.93 -6.10
CA LEU A 257 9.65 -6.31 -7.28
C LEU A 257 9.12 -4.89 -7.16
N GLN A 258 8.78 -4.44 -5.97
CA GLN A 258 8.21 -3.11 -5.84
C GLN A 258 9.07 -2.08 -5.13
N ARG A 259 9.96 -2.54 -4.26
CA ARG A 259 10.85 -1.63 -3.54
C ARG A 259 12.16 -1.37 -4.26
N THR A 260 12.58 -2.32 -5.10
CA THR A 260 13.84 -2.16 -5.83
C THR A 260 13.79 -0.81 -6.54
N PRO A 261 14.76 0.07 -6.27
CA PRO A 261 14.81 1.40 -6.88
C PRO A 261 14.68 1.49 -8.40
N GLU A 262 15.33 0.56 -9.10
CA GLU A 262 15.31 0.54 -10.57
C GLU A 262 13.91 0.34 -11.11
N VAL A 263 13.00 -0.11 -10.25
CA VAL A 263 11.61 -0.30 -10.65
C VAL A 263 10.75 0.77 -9.99
N ALA A 264 10.90 0.89 -8.66
CA ALA A 264 10.13 1.83 -7.85
C ALA A 264 10.16 3.29 -8.30
N ARG A 265 11.36 3.79 -8.57
CA ARG A 265 11.51 5.17 -9.00
C ARG A 265 10.69 5.52 -10.23
N SER A 266 10.70 4.67 -11.24
CA SER A 266 9.91 4.93 -12.45
C SER A 266 8.42 4.77 -12.18
N ARG A 267 8.07 3.70 -11.45
CA ARG A 267 6.67 3.40 -11.14
C ARG A 267 5.97 4.42 -10.25
N ALA A 268 6.73 5.06 -9.37
CA ALA A 268 6.17 6.04 -8.44
C ALA A 268 6.38 7.48 -8.87
N THR A 269 6.98 7.71 -10.04
CA THR A 269 7.24 9.07 -10.49
C THR A 269 6.00 9.94 -10.61
N PRO A 270 4.93 9.45 -11.25
CA PRO A 270 3.76 10.32 -11.34
C PRO A 270 3.21 10.69 -9.94
N LEU A 271 3.25 9.74 -9.01
CA LEU A 271 2.76 10.00 -7.66
C LEU A 271 3.70 10.96 -6.93
N LEU A 272 5.00 10.82 -7.19
CA LEU A 272 5.97 11.71 -6.57
C LEU A 272 5.72 13.14 -7.03
N ASP A 273 5.41 13.32 -8.31
CA ASP A 273 5.14 14.65 -8.85
C ASP A 273 3.90 15.25 -8.20
N LEU A 274 2.84 14.45 -8.09
CA LEU A 274 1.58 14.89 -7.48
C LEU A 274 1.77 15.25 -6.00
N ILE A 275 2.45 14.39 -5.26
CA ILE A 275 2.70 14.61 -3.84
C ILE A 275 3.51 15.90 -3.63
N LYS A 276 4.54 16.09 -4.43
CA LYS A 276 5.39 17.28 -4.33
C LYS A 276 4.65 18.58 -4.62
N THR A 277 3.89 18.63 -5.71
CA THR A 277 3.18 19.86 -6.02
C THR A 277 2.08 20.14 -5.00
N ALA A 278 1.44 19.09 -4.49
CA ALA A 278 0.37 19.25 -3.51
C ALA A 278 0.91 19.74 -2.17
N LEU A 279 2.17 19.45 -1.89
CA LEU A 279 2.77 19.87 -0.62
C LEU A 279 3.54 21.17 -0.74
N THR A 280 3.74 21.65 -1.97
CA THR A 280 4.50 22.86 -2.21
C THR A 280 3.58 24.08 -2.27
N PRO A 281 3.81 25.05 -1.36
CA PRO A 281 2.97 26.25 -1.36
C PRO A 281 3.05 26.99 -2.69
N HIS A 282 1.89 27.33 -3.25
CA HIS A 282 1.84 28.09 -4.50
C HIS A 282 0.40 28.48 -4.83
N PRO A 283 0.21 29.42 -5.77
CA PRO A 283 -1.15 29.85 -6.13
C PRO A 283 -2.09 28.74 -6.58
N PRO A 284 -3.15 28.48 -5.79
CA PRO A 284 -4.13 27.43 -6.11
C PRO A 284 -4.68 27.52 -7.53
N GLN A 285 -4.85 26.36 -8.16
CA GLN A 285 -5.37 26.31 -9.51
C GLN A 285 -5.94 24.94 -9.85
N LYS A 286 -7.05 24.93 -10.59
CA LYS A 286 -7.68 23.69 -10.98
C LYS A 286 -6.74 23.02 -11.96
N GLN A 287 -6.55 21.71 -11.81
CA GLN A 287 -5.64 21.01 -12.70
C GLN A 287 -6.01 19.55 -12.91
N ALA A 288 -5.06 18.65 -12.68
CA ALA A 288 -5.32 17.22 -12.88
C ALA A 288 -6.53 16.74 -12.10
N TYR A 289 -7.35 15.93 -12.76
CA TYR A 289 -8.57 15.37 -12.16
C TYR A 289 -9.60 16.44 -11.84
N GLY A 290 -9.36 17.66 -12.31
CA GLY A 290 -10.28 18.76 -12.03
C GLY A 290 -10.17 19.21 -10.58
N VAL A 291 -9.07 18.82 -9.95
CA VAL A 291 -8.82 19.18 -8.56
C VAL A 291 -7.97 20.44 -8.47
N THR A 292 -8.27 21.25 -7.48
CA THR A 292 -7.51 22.48 -7.26
C THR A 292 -6.47 22.25 -6.18
N LEU A 293 -5.22 22.52 -6.53
CA LEU A 293 -4.11 22.36 -5.61
C LEU A 293 -3.28 23.64 -5.65
N PRO A 294 -2.60 23.98 -4.56
CA PRO A 294 -2.59 23.23 -3.29
C PRO A 294 -3.91 23.38 -2.57
N THR A 295 -4.10 22.56 -1.53
CA THR A 295 -5.29 22.63 -0.70
C THR A 295 -4.93 22.03 0.66
N SER A 296 -5.91 21.90 1.55
CA SER A 296 -5.65 21.36 2.89
C SER A 296 -5.42 19.86 2.95
N VAL A 297 -6.33 19.10 2.36
CA VAL A 297 -6.20 17.66 2.39
C VAL A 297 -6.41 17.02 1.03
N LEU A 298 -5.52 16.10 0.71
CA LEU A 298 -5.58 15.37 -0.55
C LEU A 298 -5.51 13.89 -0.20
N PHE A 299 -6.52 13.13 -0.61
CA PHE A 299 -6.57 11.71 -0.32
C PHE A 299 -6.48 10.99 -1.65
N ILE A 300 -5.48 10.13 -1.79
CA ILE A 300 -5.28 9.40 -3.04
C ILE A 300 -5.47 7.92 -2.81
N ALA A 301 -6.50 7.35 -3.44
CA ALA A 301 -6.80 5.94 -3.27
C ALA A 301 -6.05 5.13 -4.32
N GLY A 302 -4.95 4.49 -3.88
CA GLY A 302 -4.15 3.69 -4.77
C GLY A 302 -4.05 2.22 -4.38
N HIS A 303 -2.87 1.64 -4.57
CA HIS A 303 -2.68 0.21 -4.30
C HIS A 303 -1.45 -0.08 -3.43
N ASP A 304 -1.28 -1.33 -3.02
CA ASP A 304 -0.13 -1.65 -2.19
C ASP A 304 1.20 -1.45 -2.93
N THR A 305 1.25 -1.74 -4.23
CA THR A 305 2.49 -1.55 -4.98
C THR A 305 2.88 -0.07 -5.00
N ASN A 306 1.89 0.82 -4.99
CA ASN A 306 2.16 2.26 -4.97
C ASN A 306 2.87 2.63 -3.67
N LEU A 307 2.36 2.12 -2.55
CA LEU A 307 2.98 2.41 -1.27
C LEU A 307 4.41 1.86 -1.25
N ALA A 308 4.57 0.64 -1.74
CA ALA A 308 5.89 0.04 -1.76
C ALA A 308 6.84 0.78 -2.71
N ASN A 309 6.33 1.20 -3.88
CA ASN A 309 7.17 1.94 -4.85
C ASN A 309 7.61 3.26 -4.22
N LEU A 310 6.71 3.92 -3.50
CA LEU A 310 7.05 5.20 -2.86
C LEU A 310 8.05 4.98 -1.74
N GLY A 311 7.92 3.88 -1.00
CA GLY A 311 8.89 3.60 0.05
C GLY A 311 10.28 3.39 -0.53
N GLY A 312 10.36 2.63 -1.61
CA GLY A 312 11.65 2.37 -2.24
C GLY A 312 12.28 3.59 -2.89
N ALA A 313 11.46 4.38 -3.57
CA ALA A 313 11.96 5.60 -4.23
C ALA A 313 12.45 6.64 -3.22
N LEU A 314 11.74 6.76 -2.10
CA LEU A 314 12.08 7.73 -1.06
C LEU A 314 12.97 7.17 0.04
N GLU A 315 13.31 5.90 -0.07
CA GLU A 315 14.13 5.22 0.93
C GLU A 315 13.46 5.31 2.30
N LEU A 316 12.18 4.97 2.33
CA LEU A 316 11.39 4.94 3.56
C LEU A 316 11.14 3.46 3.84
N ASN A 317 11.64 2.99 4.99
CA ASN A 317 11.48 1.60 5.40
C ASN A 317 10.67 1.57 6.68
N TRP A 318 9.84 0.53 6.83
CA TRP A 318 9.02 0.43 8.02
C TRP A 318 8.50 -0.97 8.30
N THR A 319 8.03 -1.17 9.53
CA THR A 319 7.44 -2.44 9.94
C THR A 319 6.28 -1.95 10.79
N LEU A 320 5.14 -2.64 10.75
CA LEU A 320 3.97 -2.18 11.49
C LEU A 320 3.56 -3.11 12.62
N PRO A 321 3.92 -2.78 13.86
CA PRO A 321 3.55 -3.66 14.98
C PRO A 321 2.06 -3.99 15.01
N GLY A 322 1.76 -5.28 14.98
CA GLY A 322 0.38 -5.73 14.99
C GLY A 322 -0.18 -6.00 13.61
N GLN A 323 0.56 -5.59 12.57
CA GLN A 323 0.12 -5.76 11.19
C GLN A 323 1.22 -6.47 10.39
N PRO A 324 1.04 -7.77 10.11
CA PRO A 324 2.02 -8.55 9.36
C PRO A 324 2.26 -8.12 7.90
N ASP A 325 1.29 -7.41 7.33
CA ASP A 325 1.40 -6.90 5.96
C ASP A 325 1.98 -5.49 6.02
N ASN A 326 3.18 -5.29 5.47
CA ASN A 326 3.85 -3.98 5.47
C ASN A 326 3.06 -2.88 4.77
N THR A 327 2.23 -3.28 3.81
CA THR A 327 1.40 -2.34 3.05
C THR A 327 -0.01 -2.90 3.08
N PRO A 328 -0.62 -2.92 4.28
CA PRO A 328 -1.97 -3.43 4.54
C PRO A 328 -3.14 -2.68 3.93
N PRO A 329 -4.26 -3.38 3.74
CA PRO A 329 -5.42 -2.69 3.16
C PRO A 329 -5.78 -1.48 4.01
N GLY A 330 -6.03 -0.36 3.33
CA GLY A 330 -6.36 0.86 4.03
C GLY A 330 -5.13 1.58 4.57
N GLY A 331 -3.98 0.92 4.53
CA GLY A 331 -2.75 1.54 5.00
C GLY A 331 -2.54 2.89 4.34
N GLU A 332 -2.04 3.86 5.10
CA GLU A 332 -1.85 5.22 4.59
C GLU A 332 -0.45 5.77 4.76
N LEU A 333 0.15 6.21 3.66
CA LEU A 333 1.47 6.84 3.66
C LEU A 333 1.07 8.31 3.79
N VAL A 334 1.27 8.89 4.96
CA VAL A 334 0.86 10.27 5.20
C VAL A 334 1.98 11.29 5.12
N PHE A 335 1.78 12.29 4.25
CA PHE A 335 2.75 13.35 4.06
C PHE A 335 2.13 14.63 4.60
N GLU A 336 2.85 15.33 5.49
CA GLU A 336 2.32 16.58 6.06
C GLU A 336 3.31 17.72 6.00
N ARG A 337 2.83 18.92 5.67
CA ARG A 337 3.67 20.09 5.63
C ARG A 337 3.35 20.88 6.90
N TRP A 338 4.38 21.14 7.72
CA TRP A 338 4.19 21.92 8.94
C TRP A 338 5.00 23.21 8.81
N ARG A 339 4.43 24.32 9.24
CA ARG A 339 5.15 25.58 9.15
C ARG A 339 5.62 25.94 10.56
N ARG A 340 6.91 26.20 10.71
CA ARG A 340 7.44 26.56 12.01
C ARG A 340 7.14 28.02 12.28
N LEU A 341 6.33 28.27 13.31
CA LEU A 341 5.92 29.62 13.67
C LEU A 341 7.10 30.57 13.88
N SER A 342 8.15 30.08 14.52
CA SER A 342 9.33 30.90 14.80
C SER A 342 9.79 31.74 13.60
N ASP A 343 10.18 31.08 12.51
CA ASP A 343 10.65 31.80 11.33
C ASP A 343 9.86 31.52 10.07
N ASN A 344 8.69 30.91 10.20
CA ASN A 344 7.84 30.60 9.05
C ASN A 344 8.51 29.71 8.01
N SER A 345 9.33 28.77 8.47
CA SER A 345 10.02 27.84 7.59
C SER A 345 9.10 26.64 7.33
N GLN A 346 9.28 25.98 6.19
CA GLN A 346 8.42 24.82 5.83
C GLN A 346 9.08 23.47 6.12
N TRP A 347 8.29 22.53 6.63
CA TRP A 347 8.81 21.20 6.97
C TRP A 347 7.87 20.07 6.58
N ILE A 348 8.45 18.91 6.22
CA ILE A 348 7.66 17.75 5.81
C ILE A 348 7.80 16.56 6.75
N GLN A 349 6.66 16.02 7.18
CA GLN A 349 6.65 14.87 8.06
C GLN A 349 6.02 13.72 7.29
N VAL A 350 6.56 12.52 7.45
CA VAL A 350 6.04 11.36 6.76
C VAL A 350 5.78 10.25 7.77
N SER A 351 4.63 9.60 7.65
CA SER A 351 4.29 8.53 8.57
C SER A 351 3.45 7.49 7.86
N LEU A 352 3.32 6.32 8.48
CA LEU A 352 2.55 5.25 7.92
C LEU A 352 1.43 5.00 8.93
N VAL A 353 0.19 5.34 8.55
CA VAL A 353 -0.96 5.14 9.42
C VAL A 353 -1.66 3.86 8.97
N PHE A 354 -1.95 2.99 9.93
CA PHE A 354 -2.59 1.73 9.59
C PHE A 354 -3.39 1.17 10.76
N GLN A 355 -4.21 0.17 10.44
CA GLN A 355 -5.00 -0.53 11.43
C GLN A 355 -4.28 -1.86 11.64
N THR A 356 -4.22 -2.31 12.88
CA THR A 356 -3.57 -3.58 13.18
C THR A 356 -4.51 -4.64 12.64
N LEU A 357 -3.99 -5.85 12.44
CA LEU A 357 -4.82 -6.93 11.94
C LEU A 357 -5.98 -7.22 12.89
N GLN A 358 -5.77 -6.96 14.18
CA GLN A 358 -6.82 -7.19 15.17
C GLN A 358 -7.89 -6.10 15.05
N GLN A 359 -7.46 -4.85 14.87
CA GLN A 359 -8.41 -3.76 14.73
C GLN A 359 -9.30 -4.01 13.52
N MET A 360 -8.77 -4.69 12.51
CA MET A 360 -9.54 -5.00 11.31
C MET A 360 -10.49 -6.14 11.66
N ARG A 361 -9.93 -7.17 12.29
CA ARG A 361 -10.68 -8.34 12.71
C ARG A 361 -11.89 -7.99 13.58
N ASP A 362 -11.66 -7.19 14.63
CA ASP A 362 -12.74 -6.80 15.54
C ASP A 362 -13.52 -5.62 14.99
N LYS A 363 -13.13 -5.17 13.79
CA LYS A 363 -13.77 -4.03 13.16
C LYS A 363 -13.92 -2.91 14.17
N THR A 364 -12.83 -2.58 14.87
CA THR A 364 -12.89 -1.55 15.89
C THR A 364 -12.87 -0.11 15.43
N PRO A 365 -13.89 0.68 15.86
CA PRO A 365 -14.00 2.10 15.49
C PRO A 365 -12.80 2.87 16.01
N LEU A 366 -12.28 3.77 15.18
CA LEU A 366 -11.10 4.55 15.55
C LEU A 366 -11.43 5.96 16.01
N SER A 367 -10.58 6.47 16.89
CA SER A 367 -10.73 7.81 17.43
C SER A 367 -9.41 8.20 18.07
N LEU A 368 -9.25 9.47 18.42
CA LEU A 368 -8.01 9.92 19.04
C LEU A 368 -7.76 9.10 20.30
N ASN A 369 -8.84 8.59 20.90
CA ASN A 369 -8.74 7.77 22.11
C ASN A 369 -8.39 6.34 21.77
N THR A 370 -8.94 5.85 20.66
CA THR A 370 -8.68 4.50 20.19
C THR A 370 -8.19 4.61 18.74
N PRO A 371 -7.00 5.21 18.55
CA PRO A 371 -6.38 5.43 17.25
C PRO A 371 -5.77 4.21 16.56
N PRO A 372 -5.56 4.30 15.24
CA PRO A 372 -4.96 3.20 14.49
C PRO A 372 -3.47 3.27 14.81
N GLY A 373 -2.70 2.29 14.38
CA GLY A 373 -1.27 2.35 14.63
C GLY A 373 -0.68 3.39 13.70
N GLU A 374 0.46 3.95 14.09
CA GLU A 374 1.14 4.95 13.27
C GLU A 374 2.65 4.89 13.52
N VAL A 375 3.41 4.84 12.44
CA VAL A 375 4.86 4.80 12.52
C VAL A 375 5.40 6.05 11.85
N LYS A 376 6.19 6.83 12.58
CA LYS A 376 6.77 8.05 12.05
C LYS A 376 7.96 7.62 11.19
N LEU A 377 8.01 8.13 9.97
CA LEU A 377 9.06 7.75 9.05
C LEU A 377 10.22 8.72 8.95
N THR A 378 11.39 8.18 8.65
CA THR A 378 12.59 8.97 8.50
C THR A 378 13.07 8.87 7.07
N LEU A 379 13.23 10.02 6.41
CA LEU A 379 13.72 10.04 5.05
C LEU A 379 15.20 9.74 5.14
N ALA A 380 15.59 8.54 4.73
CA ALA A 380 16.98 8.13 4.79
C ALA A 380 17.94 9.11 4.12
N GLY A 381 17.45 9.84 3.12
CA GLY A 381 18.33 10.76 2.41
C GLY A 381 18.26 12.23 2.81
N CYS A 382 17.50 12.55 3.86
CA CYS A 382 17.39 13.95 4.29
C CYS A 382 18.47 14.34 5.29
N GLU A 383 18.94 15.59 5.18
CA GLU A 383 19.97 16.09 6.09
C GLU A 383 19.45 17.22 6.98
N GLU A 384 18.79 18.20 6.38
CA GLU A 384 18.25 19.35 7.12
C GLU A 384 16.93 18.98 7.81
N ARG A 385 17.00 18.80 9.13
CA ARG A 385 15.83 18.42 9.91
C ARG A 385 15.55 19.44 11.01
N ASN A 386 14.30 19.50 11.49
CA ASN A 386 13.97 20.42 12.56
C ASN A 386 14.04 19.66 13.88
N ALA A 387 13.69 20.32 14.97
CA ALA A 387 13.73 19.68 16.28
C ALA A 387 12.92 18.42 16.35
N GLN A 388 11.82 18.37 15.61
CA GLN A 388 10.94 17.21 15.62
C GLN A 388 11.37 16.09 14.68
N GLY A 389 12.46 16.30 13.96
CA GLY A 389 12.93 15.28 13.04
C GLY A 389 12.29 15.32 11.66
N MET A 390 11.67 16.44 11.32
CA MET A 390 11.04 16.58 10.02
C MET A 390 12.06 17.10 9.02
N CYS A 391 11.84 16.81 7.74
CA CYS A 391 12.76 17.28 6.72
C CYS A 391 12.27 18.63 6.21
N SER A 392 13.19 19.52 5.85
CA SER A 392 12.77 20.82 5.36
C SER A 392 12.13 20.61 4.00
N LEU A 393 11.30 21.56 3.57
CA LEU A 393 10.62 21.45 2.29
C LEU A 393 11.69 21.36 1.21
N ALA A 394 12.71 22.19 1.35
CA ALA A 394 13.81 22.21 0.39
C ALA A 394 14.46 20.83 0.31
N GLY A 395 14.74 20.25 1.49
CA GLY A 395 15.37 18.94 1.53
C GLY A 395 14.50 17.88 0.89
N PHE A 396 13.21 17.92 1.21
CA PHE A 396 12.23 16.98 0.68
C PHE A 396 12.12 17.14 -0.83
N THR A 397 12.08 18.38 -1.29
CA THR A 397 11.96 18.66 -2.71
C THR A 397 13.19 18.13 -3.45
N GLN A 398 14.34 18.22 -2.82
CA GLN A 398 15.57 17.72 -3.43
C GLN A 398 15.52 16.19 -3.54
N ILE A 399 15.05 15.54 -2.48
CA ILE A 399 14.97 14.09 -2.52
C ILE A 399 14.02 13.59 -3.60
N VAL A 400 12.85 14.23 -3.73
CA VAL A 400 11.88 13.87 -4.75
C VAL A 400 12.48 14.11 -6.15
N ASN A 401 13.11 15.26 -6.32
CA ASN A 401 13.70 15.59 -7.61
C ASN A 401 14.83 14.62 -8.02
N GLU A 402 15.53 14.08 -7.04
CA GLU A 402 16.61 13.15 -7.35
C GLU A 402 16.06 11.73 -7.56
N ALA A 403 14.93 11.42 -6.94
CA ALA A 403 14.32 10.10 -7.06
C ALA A 403 13.45 9.90 -8.30
N ARG A 404 12.73 10.94 -8.73
CA ARG A 404 11.86 10.80 -9.90
C ARG A 404 12.65 10.57 -11.18
N ILE A 405 11.99 9.96 -12.16
CA ILE A 405 12.57 9.68 -13.46
C ILE A 405 11.77 10.56 -14.42
N PRO A 406 12.37 11.66 -14.90
CA PRO A 406 11.70 12.58 -15.84
C PRO A 406 10.92 11.90 -16.95
N ALA A 407 11.53 10.89 -17.57
CA ALA A 407 10.87 10.17 -18.66
C ALA A 407 9.55 9.55 -18.23
N CYS A 408 9.34 9.43 -16.92
CA CYS A 408 8.11 8.84 -16.41
C CYS A 408 7.05 9.80 -15.89
N SER A 409 7.30 11.11 -16.00
CA SER A 409 6.30 12.08 -15.54
C SER A 409 5.15 12.08 -16.54
N LEU A 410 3.97 12.47 -16.10
CA LEU A 410 2.81 12.48 -16.99
C LEU A 410 2.78 13.66 -17.96
HG HG B . -13.34 15.53 -11.20
HG HG C . -1.09 23.58 -8.48
HG HG D . -0.68 -6.39 0.45
HG HG E . 0.90 -5.62 0.84
C1 IHP F . -3.76 -6.18 -8.50
C2 IHP F . -3.32 -5.10 -7.48
C3 IHP F . -3.49 -5.61 -5.99
C4 IHP F . -2.65 -6.94 -5.76
C5 IHP F . -2.98 -8.00 -6.86
C6 IHP F . -2.87 -7.43 -8.30
O11 IHP F . -3.61 -5.69 -9.85
P1 IHP F . -4.78 -4.88 -10.55
O21 IHP F . -6.17 -5.56 -10.16
O31 IHP F . -4.57 -4.92 -12.03
O41 IHP F . -4.84 -3.35 -10.06
O12 IHP F . -1.93 -4.78 -7.70
P2 IHP F . -1.43 -3.29 -8.06
O22 IHP F . -0.24 -3.33 -9.12
O32 IHP F . -2.54 -2.48 -8.64
O42 IHP F . -0.89 -2.60 -6.74
O13 IHP F . -3.08 -4.60 -5.08
P3 IHP F . -4.23 -3.85 -4.23
O23 IHP F . -5.04 -4.84 -3.47
O33 IHP F . -5.19 -3.05 -5.20
O43 IHP F . -3.56 -2.85 -3.22
O14 IHP F . -2.96 -7.53 -4.51
P4 IHP F . -1.78 -8.22 -3.66
O24 IHP F . -1.81 -7.65 -2.29
O34 IHP F . -0.33 -8.02 -4.27
O44 IHP F . -2.08 -9.79 -3.57
O15 IHP F . -2.09 -9.12 -6.79
P5 IHP F . -2.71 -10.60 -6.75
O25 IHP F . -4.15 -10.56 -6.35
O35 IHP F . -2.56 -11.27 -8.18
O45 IHP F . -1.92 -11.46 -5.67
O16 IHP F . -3.24 -8.49 -9.21
P6 IHP F . -2.34 -8.84 -10.47
O26 IHP F . -3.23 -9.61 -11.54
O36 IHP F . -1.13 -9.78 -10.04
O46 IHP F . -1.82 -7.59 -11.09
#